data_4CIM
#
_entry.id   4CIM
#
_cell.length_a   41.922
_cell.length_b   60.726
_cell.length_c   67.098
_cell.angle_alpha   90.00
_cell.angle_beta   105.85
_cell.angle_gamma   90.00
#
_symmetry.space_group_name_H-M   'P 1 21 1'
#
loop_
_entity.id
_entity.type
_entity.pdbx_description
1 polymer 'BCL-2-LIKE PROTEIN 2'
2 polymer 'BCL-2-LIKE PROTEIN 2'
3 non-polymer 1,2-ETHANEDIOL
4 water water
#
loop_
_entity_poly.entity_id
_entity_poly.type
_entity_poly.pdbx_seq_one_letter_code
_entity_poly.pdbx_strand_id
1 'polypeptide(L)'
;MATPASAPDTRALVADFVGYKLRQKGYVSGAGPGEGPAADPLGQALRAIGDEFETRFRRTFSDLAAQLHVTPGSAQQRFT
QVSDELFQGGPNWGRLVAFFVFGAALCAESVNKEMEPLVGQVQEWMVEYLETRLADWIHSSGGWAEFTALYGDGALEEAR
RLR
;
A,B
2 'polypeptide(L)' AADPLGQALRAIGDEFETRFR P,Q
#
loop_
_chem_comp.id
_chem_comp.type
_chem_comp.name
_chem_comp.formula
EDO non-polymer 1,2-ETHANEDIOL 'C2 H6 O2'
#
# COMPACT_ATOMS: atom_id res chain seq x y z
N ALA A 7 -9.28 21.08 19.17
CA ALA A 7 -10.61 20.53 19.01
C ALA A 7 -11.07 20.60 17.55
N PRO A 8 -10.84 19.50 16.80
CA PRO A 8 -11.21 19.42 15.38
C PRO A 8 -12.69 19.11 15.16
N ASP A 9 -13.34 19.93 14.33
CA ASP A 9 -14.71 19.71 13.90
C ASP A 9 -14.68 18.77 12.69
N THR A 10 -15.05 17.51 12.91
CA THR A 10 -15.00 16.49 11.85
C THR A 10 -15.90 16.84 10.67
N ARG A 11 -17.11 17.31 10.95
CA ARG A 11 -18.01 17.67 9.86
C ARG A 11 -17.44 18.83 9.03
N ALA A 12 -16.80 19.80 9.71
CA ALA A 12 -16.20 20.94 9.02
C ALA A 12 -14.99 20.50 8.19
N LEU A 13 -14.24 19.53 8.70
CA LEU A 13 -13.08 19.03 7.98
C LEU A 13 -13.53 18.34 6.70
N VAL A 14 -14.52 17.45 6.81
CA VAL A 14 -15.06 16.78 5.63
C VAL A 14 -15.64 17.81 4.65
N ALA A 15 -16.41 18.76 5.16
CA ALA A 15 -17.04 19.74 4.27
C ALA A 15 -16.01 20.61 3.57
N ASP A 16 -14.94 20.97 4.29
CA ASP A 16 -13.90 21.79 3.68
C ASP A 16 -13.20 21.02 2.57
N PHE A 17 -12.80 19.79 2.83
CA PHE A 17 -12.03 19.07 1.86
C PHE A 17 -12.85 18.74 0.62
N VAL A 18 -14.08 18.25 0.83
CA VAL A 18 -14.94 17.89 -0.31
C VAL A 18 -15.27 19.15 -1.09
N GLY A 19 -15.59 20.24 -0.40
CA GLY A 19 -15.88 21.48 -1.06
C GLY A 19 -14.71 21.99 -1.89
N TYR A 20 -13.50 21.87 -1.35
CA TYR A 20 -12.30 22.28 -2.02
C TYR A 20 -12.14 21.51 -3.32
N LYS A 21 -12.32 20.19 -3.23
CA LYS A 21 -12.17 19.34 -4.39
C LYS A 21 -13.23 19.60 -5.45
N LEU A 22 -14.47 19.83 -5.04
CA LEU A 22 -15.53 20.13 -5.99
C LEU A 22 -15.25 21.43 -6.74
N ARG A 23 -14.67 22.40 -6.05
CA ARG A 23 -14.31 23.67 -6.67
C ARG A 23 -13.12 23.50 -7.60
N GLN A 24 -12.16 22.70 -7.15
CA GLN A 24 -10.96 22.43 -7.92
CA GLN A 24 -10.95 22.43 -7.93
C GLN A 24 -11.31 21.84 -9.28
N LYS A 25 -12.31 20.97 -9.29
CA LYS A 25 -12.72 20.27 -10.51
C LYS A 25 -13.80 21.02 -11.28
N GLY A 26 -14.21 22.18 -10.79
CA GLY A 26 -15.09 23.06 -11.56
C GLY A 26 -16.58 22.79 -11.41
N TYR A 27 -16.96 21.97 -10.43
CA TYR A 27 -18.37 21.65 -10.22
C TYR A 27 -19.13 22.72 -9.45
N VAL A 28 -18.41 23.41 -8.57
CA VAL A 28 -18.97 24.36 -7.61
C VAL A 28 -18.11 25.61 -7.61
N SER A 29 -18.74 26.77 -7.50
CA SER A 29 -18.01 28.02 -7.37
CA SER A 29 -18.01 28.02 -7.35
C SER A 29 -18.72 28.91 -6.34
N GLY A 30 -17.99 29.80 -5.71
CA GLY A 30 -18.59 30.77 -4.82
C GLY A 30 -18.68 30.32 -3.37
N ALA A 31 -19.60 30.93 -2.65
CA ALA A 31 -19.70 30.80 -1.20
C ALA A 31 -19.93 29.37 -0.70
N GLY A 32 -19.33 29.04 0.43
CA GLY A 32 -19.57 27.76 1.08
C GLY A 32 -18.28 27.11 1.51
N PRO A 33 -18.37 25.99 2.24
CA PRO A 33 -17.19 25.28 2.72
C PRO A 33 -16.28 24.92 1.54
N GLY A 34 -14.99 25.18 1.68
CA GLY A 34 -14.04 24.90 0.62
C GLY A 34 -13.66 26.09 -0.22
N GLU A 35 -14.40 27.20 -0.09
CA GLU A 35 -14.11 28.42 -0.83
CA GLU A 35 -14.11 28.43 -0.83
C GLU A 35 -12.95 29.20 -0.22
N GLY A 36 -12.02 29.64 -1.05
CA GLY A 36 -10.87 30.38 -0.56
C GLY A 36 -9.95 29.51 0.27
N PRO A 37 -9.02 30.12 0.99
CA PRO A 37 -8.05 29.38 1.80
C PRO A 37 -8.72 28.61 2.93
N ALA A 38 -8.11 27.51 3.38
CA ALA A 38 -8.66 26.80 4.53
C ALA A 38 -8.64 27.69 5.76
N ALA A 39 -9.52 27.43 6.71
CA ALA A 39 -9.64 28.27 7.90
C ALA A 39 -8.47 28.07 8.86
N ASP A 40 -7.81 26.92 8.76
CA ASP A 40 -6.76 26.56 9.71
C ASP A 40 -5.67 25.70 9.07
N PRO A 41 -4.53 25.52 9.78
CA PRO A 41 -3.45 24.69 9.23
C PRO A 41 -3.87 23.25 8.94
N LEU A 42 -4.79 22.70 9.73
CA LEU A 42 -5.27 21.34 9.48
C LEU A 42 -5.91 21.24 8.10
N GLY A 43 -6.81 22.18 7.80
CA GLY A 43 -7.49 22.16 6.52
C GLY A 43 -6.52 22.32 5.38
N GLN A 44 -5.55 23.23 5.54
CA GLN A 44 -4.57 23.48 4.49
C GLN A 44 -3.72 22.24 4.25
N ALA A 45 -3.32 21.58 5.33
CA ALA A 45 -2.49 20.38 5.24
C ALA A 45 -3.22 19.28 4.49
N LEU A 46 -4.49 19.06 4.86
CA LEU A 46 -5.29 18.02 4.22
C LEU A 46 -5.52 18.30 2.73
N ARG A 47 -5.77 19.56 2.38
CA ARG A 47 -5.91 19.92 0.97
C ARG A 47 -4.66 19.61 0.19
N ALA A 48 -3.51 20.00 0.75
CA ALA A 48 -2.25 19.88 0.03
C ALA A 48 -1.84 18.43 -0.16
N ILE A 49 -1.91 17.61 0.89
CA ILE A 49 -1.53 16.21 0.76
CA ILE A 49 -1.49 16.22 0.68
C ILE A 49 -2.56 15.43 -0.05
N GLY A 50 -3.83 15.82 0.07
CA GLY A 50 -4.87 15.21 -0.74
C GLY A 50 -4.61 15.45 -2.22
N ASP A 51 -4.19 16.65 -2.57
CA ASP A 51 -3.84 16.93 -3.96
C ASP A 51 -2.66 16.05 -4.39
N GLU A 52 -1.66 15.94 -3.53
CA GLU A 52 -0.49 15.12 -3.85
C GLU A 52 -0.90 13.66 -4.01
N PHE A 53 -1.78 13.22 -3.13
CA PHE A 53 -2.29 11.86 -3.19
C PHE A 53 -3.00 11.55 -4.51
N GLU A 54 -3.91 12.43 -4.93
CA GLU A 54 -4.67 12.16 -6.13
C GLU A 54 -3.79 12.06 -7.37
N THR A 55 -2.77 12.92 -7.48
N THR A 55 -2.79 12.93 -7.44
CA THR A 55 -1.86 12.84 -8.61
CA THR A 55 -1.83 12.90 -8.55
C THR A 55 -1.02 11.56 -8.59
C THR A 55 -1.03 11.59 -8.58
N ARG A 56 -0.59 11.15 -7.40
CA ARG A 56 0.18 9.93 -7.28
C ARG A 56 -0.69 8.71 -7.63
N PHE A 57 -1.94 8.73 -7.17
CA PHE A 57 -2.84 7.65 -7.49
C PHE A 57 -3.03 7.56 -8.99
N ARG A 58 -3.23 8.71 -9.63
CA ARG A 58 -3.47 8.74 -11.08
CA ARG A 58 -3.47 8.75 -11.07
C ARG A 58 -2.25 8.25 -11.86
N ARG A 59 -1.06 8.65 -11.42
CA ARG A 59 0.17 8.22 -12.08
CA ARG A 59 0.19 8.21 -12.06
C ARG A 59 0.36 6.70 -11.98
N THR A 60 0.13 6.17 -10.78
CA THR A 60 0.35 4.76 -10.50
C THR A 60 -0.70 3.87 -11.15
N PHE A 61 -1.96 4.27 -11.03
CA PHE A 61 -3.07 3.46 -11.50
C PHE A 61 -3.73 4.15 -12.70
N SER A 62 -4.86 4.80 -12.48
CA SER A 62 -5.48 5.64 -13.49
C SER A 62 -6.43 6.55 -12.74
N ASP A 63 -7.23 7.32 -13.47
CA ASP A 63 -8.10 8.27 -12.78
C ASP A 63 -9.06 7.58 -11.81
N LEU A 64 -9.06 8.07 -10.57
CA LEU A 64 -9.88 7.51 -9.49
C LEU A 64 -11.37 7.67 -9.75
N ALA A 65 -11.82 8.90 -9.94
CA ALA A 65 -13.23 9.21 -10.13
C ALA A 65 -13.84 8.40 -11.28
N ALA A 66 -13.01 8.05 -12.25
CA ALA A 66 -13.46 7.22 -13.37
C ALA A 66 -13.17 5.74 -13.16
N GLN A 67 -13.38 5.27 -11.93
CA GLN A 67 -13.49 3.84 -11.64
C GLN A 67 -14.64 3.70 -10.65
N LEU A 68 -15.26 4.82 -10.35
CA LEU A 68 -16.42 4.84 -9.47
C LEU A 68 -17.65 4.68 -10.33
N HIS A 69 -18.50 3.74 -9.95
CA HIS A 69 -19.73 3.53 -10.66
C HIS A 69 -20.83 3.72 -9.63
N VAL A 70 -21.46 4.89 -9.71
CA VAL A 70 -22.30 5.39 -8.63
C VAL A 70 -23.79 5.25 -8.95
N THR A 71 -24.55 4.63 -8.04
CA THR A 71 -26.01 4.72 -8.07
C THR A 71 -26.47 5.01 -6.65
N PRO A 72 -27.65 5.64 -6.51
CA PRO A 72 -28.09 6.00 -5.16
C PRO A 72 -28.32 4.78 -4.28
N GLY A 73 -28.72 3.65 -4.88
CA GLY A 73 -29.03 2.46 -4.11
C GLY A 73 -27.82 1.67 -3.68
N SER A 74 -26.69 1.88 -4.37
CA SER A 74 -25.49 1.11 -4.07
C SER A 74 -24.37 1.94 -3.47
N ALA A 75 -24.53 3.26 -3.45
CA ALA A 75 -23.43 4.14 -3.02
C ALA A 75 -22.93 3.88 -1.59
N GLN A 76 -23.85 3.73 -0.64
CA GLN A 76 -23.41 3.56 0.74
C GLN A 76 -22.67 2.24 0.92
N GLN A 77 -23.16 1.17 0.30
CA GLN A 77 -22.52 -0.14 0.41
C GLN A 77 -21.14 -0.12 -0.22
N ARG A 78 -21.02 0.51 -1.38
CA ARG A 78 -19.75 0.58 -2.08
C ARG A 78 -18.76 1.45 -1.30
N PHE A 79 -19.25 2.57 -0.77
CA PHE A 79 -18.42 3.43 0.06
C PHE A 79 -17.84 2.63 1.22
N THR A 80 -18.68 1.84 1.87
CA THR A 80 -18.27 1.08 3.05
C THR A 80 -17.32 -0.05 2.67
N GLN A 81 -17.59 -0.71 1.55
CA GLN A 81 -16.74 -1.82 1.11
C GLN A 81 -15.33 -1.33 0.77
N VAL A 82 -15.24 -0.25 0.01
CA VAL A 82 -13.94 0.32 -0.34
C VAL A 82 -13.18 0.75 0.92
N SER A 83 -13.86 1.47 1.80
CA SER A 83 -13.24 1.98 3.01
C SER A 83 -12.79 0.83 3.91
N ASP A 84 -13.60 -0.21 4.04
CA ASP A 84 -13.22 -1.34 4.89
C ASP A 84 -11.95 -2.01 4.37
N GLU A 85 -11.86 -2.15 3.05
CA GLU A 85 -10.65 -2.73 2.45
C GLU A 85 -9.43 -1.82 2.67
N LEU A 86 -9.63 -0.51 2.47
CA LEU A 86 -8.57 0.48 2.65
C LEU A 86 -7.95 0.38 4.04
N PHE A 87 -8.80 0.13 5.04
CA PHE A 87 -8.32 0.11 6.42
C PHE A 87 -8.04 -1.27 6.99
N GLN A 88 -8.05 -2.30 6.15
CA GLN A 88 -7.69 -3.63 6.61
C GLN A 88 -6.26 -3.62 7.12
N GLY A 89 -6.06 -4.08 8.34
CA GLY A 89 -4.74 -4.04 8.97
C GLY A 89 -4.58 -2.86 9.92
N GLY A 90 -5.51 -1.91 9.86
CA GLY A 90 -5.47 -0.77 10.75
C GLY A 90 -5.28 0.55 10.06
N PRO A 91 -5.74 1.64 10.69
CA PRO A 91 -5.53 2.95 10.05
C PRO A 91 -4.08 3.43 10.16
N ASN A 92 -3.73 4.38 9.30
CA ASN A 92 -2.57 5.22 9.49
C ASN A 92 -2.88 6.55 8.80
N TRP A 93 -2.02 7.56 8.95
CA TRP A 93 -2.33 8.87 8.39
C TRP A 93 -2.44 8.87 6.87
N GLY A 94 -1.58 8.09 6.20
CA GLY A 94 -1.67 7.99 4.75
C GLY A 94 -2.98 7.39 4.27
N ARG A 95 -3.45 6.36 4.97
CA ARG A 95 -4.73 5.74 4.64
C ARG A 95 -5.87 6.69 4.91
N LEU A 96 -5.72 7.54 5.92
CA LEU A 96 -6.76 8.55 6.18
C LEU A 96 -6.85 9.54 5.04
N VAL A 97 -5.72 9.96 4.50
CA VAL A 97 -5.72 10.83 3.34
C VAL A 97 -6.44 10.13 2.17
N ALA A 98 -6.15 8.84 1.98
CA ALA A 98 -6.79 8.07 0.91
C ALA A 98 -8.30 8.09 1.06
N PHE A 99 -8.76 7.94 2.29
CA PHE A 99 -10.19 7.94 2.61
C PHE A 99 -10.84 9.27 2.22
N PHE A 100 -10.22 10.38 2.59
CA PHE A 100 -10.74 11.71 2.18
C PHE A 100 -10.76 11.91 0.65
N VAL A 101 -9.69 11.46 -0.03
CA VAL A 101 -9.62 11.60 -1.47
C VAL A 101 -10.70 10.75 -2.14
N PHE A 102 -10.89 9.54 -1.64
CA PHE A 102 -11.94 8.65 -2.14
C PHE A 102 -13.33 9.25 -1.95
N GLY A 103 -13.62 9.74 -0.74
CA GLY A 103 -14.94 10.31 -0.48
C GLY A 103 -15.21 11.50 -1.38
N ALA A 104 -14.22 12.38 -1.52
CA ALA A 104 -14.37 13.56 -2.39
C ALA A 104 -14.55 13.16 -3.85
N ALA A 105 -13.87 12.09 -4.27
CA ALA A 105 -14.00 11.61 -5.64
C ALA A 105 -15.40 11.04 -5.90
N LEU A 106 -15.95 10.36 -4.90
CA LEU A 106 -17.31 9.84 -4.99
C LEU A 106 -18.29 11.00 -5.11
N CYS A 107 -18.02 12.08 -4.39
CA CYS A 107 -18.88 13.26 -4.48
C CYS A 107 -18.80 13.91 -5.86
N ALA A 108 -17.60 14.03 -6.39
CA ALA A 108 -17.41 14.62 -7.70
C ALA A 108 -18.10 13.79 -8.79
N GLU A 109 -17.94 12.48 -8.74
CA GLU A 109 -18.57 11.61 -9.72
C GLU A 109 -20.10 11.68 -9.61
N SER A 110 -20.60 11.79 -8.38
CA SER A 110 -22.04 11.99 -8.18
C SER A 110 -22.55 13.25 -8.85
N VAL A 111 -21.82 14.36 -8.73
CA VAL A 111 -22.22 15.58 -9.44
C VAL A 111 -22.13 15.39 -10.96
N ASN A 112 -21.02 14.81 -11.40
CA ASN A 112 -20.78 14.55 -12.82
C ASN A 112 -21.93 13.75 -13.43
N LYS A 113 -22.48 12.83 -12.66
CA LYS A 113 -23.55 11.97 -13.16
C LYS A 113 -24.93 12.45 -12.74
N GLU A 114 -25.03 13.74 -12.45
CA GLU A 114 -26.31 14.39 -12.14
C GLU A 114 -27.05 13.77 -10.96
N MET A 115 -26.29 13.50 -9.91
CA MET A 115 -26.85 13.02 -8.67
C MET A 115 -26.27 13.84 -7.54
N GLU A 116 -26.41 15.16 -7.67
CA GLU A 116 -25.89 16.08 -6.66
C GLU A 116 -26.38 15.81 -5.21
N PRO A 117 -27.63 15.33 -5.03
CA PRO A 117 -28.01 15.09 -3.64
C PRO A 117 -27.18 14.01 -2.94
N LEU A 118 -26.45 13.19 -3.69
CA LEU A 118 -25.57 12.20 -3.09
C LEU A 118 -24.39 12.84 -2.37
N VAL A 119 -24.05 14.07 -2.75
CA VAL A 119 -22.88 14.73 -2.15
C VAL A 119 -23.06 14.86 -0.64
N GLY A 120 -24.22 15.37 -0.23
CA GLY A 120 -24.48 15.53 1.20
C GLY A 120 -24.54 14.19 1.91
N GLN A 121 -25.05 13.18 1.25
CA GLN A 121 -25.13 11.86 1.85
C GLN A 121 -23.73 11.27 2.04
N VAL A 122 -22.91 11.38 0.99
CA VAL A 122 -21.56 10.86 1.09
C VAL A 122 -20.78 11.56 2.20
N GLN A 123 -20.97 12.87 2.34
CA GLN A 123 -20.28 13.61 3.40
C GLN A 123 -20.74 13.11 4.77
N GLU A 124 -22.03 12.86 4.93
CA GLU A 124 -22.53 12.27 6.17
C GLU A 124 -21.94 10.87 6.45
N TRP A 125 -21.82 10.05 5.41
CA TRP A 125 -21.21 8.73 5.58
C TRP A 125 -19.75 8.85 5.98
N MET A 126 -19.05 9.82 5.41
CA MET A 126 -17.66 10.05 5.79
C MET A 126 -17.55 10.43 7.25
N VAL A 127 -18.40 11.36 7.68
CA VAL A 127 -18.41 11.77 9.07
C VAL A 127 -18.71 10.58 9.98
N GLU A 128 -19.71 9.78 9.59
CA GLU A 128 -20.09 8.62 10.40
C GLU A 128 -18.94 7.63 10.51
N TYR A 129 -18.26 7.38 9.40
CA TYR A 129 -17.17 6.41 9.38
C TYR A 129 -16.03 6.90 10.25
N LEU A 130 -15.68 8.17 10.12
CA LEU A 130 -14.64 8.77 10.95
C LEU A 130 -14.97 8.70 12.42
N GLU A 131 -16.20 9.04 12.78
CA GLU A 131 -16.56 9.15 14.19
C GLU A 131 -16.80 7.79 14.84
N THR A 132 -17.22 6.81 14.04
CA THR A 132 -17.55 5.50 14.57
C THR A 132 -16.39 4.52 14.52
N ARG A 133 -15.59 4.60 13.47
N ARG A 133 -15.67 4.55 13.39
CA ARG A 133 -14.62 3.56 13.21
CA ARG A 133 -14.64 3.55 13.11
C ARG A 133 -13.18 4.03 13.34
C ARG A 133 -13.25 4.07 13.46
N LEU A 134 -12.96 5.31 13.07
CA LEU A 134 -11.59 5.83 13.08
C LEU A 134 -11.25 6.73 14.27
N ALA A 135 -12.26 7.20 14.99
CA ALA A 135 -12.08 8.22 16.03
C ALA A 135 -11.12 7.80 17.15
N ASP A 136 -11.23 6.54 17.59
CA ASP A 136 -10.38 6.09 18.69
C ASP A 136 -8.92 6.04 18.26
N TRP A 137 -8.66 5.54 17.05
CA TRP A 137 -7.30 5.54 16.50
C TRP A 137 -6.76 6.98 16.37
N ILE A 138 -7.58 7.89 15.86
CA ILE A 138 -7.10 9.25 15.64
C ILE A 138 -6.73 9.88 16.97
N HIS A 139 -7.59 9.71 17.97
CA HIS A 139 -7.32 10.28 19.29
C HIS A 139 -6.06 9.67 19.92
N SER A 140 -5.90 8.34 19.85
N SER A 140 -5.94 8.34 19.81
CA SER A 140 -4.74 7.71 20.48
CA SER A 140 -4.81 7.61 20.39
C SER A 140 -3.45 7.92 19.70
C SER A 140 -3.47 7.96 19.71
N SER A 141 -3.55 8.50 18.51
CA SER A 141 -2.36 8.79 17.70
C SER A 141 -1.96 10.26 17.79
N GLY A 142 -2.55 10.97 18.74
CA GLY A 142 -2.20 12.37 18.95
C GLY A 142 -3.17 13.36 18.35
N GLY A 143 -4.22 12.85 17.70
CA GLY A 143 -5.24 13.69 17.10
C GLY A 143 -4.80 14.34 15.81
N TRP A 144 -5.70 15.11 15.20
CA TRP A 144 -5.39 15.77 13.94
C TRP A 144 -4.25 16.77 14.06
N ALA A 145 -3.98 17.28 15.26
CA ALA A 145 -2.79 18.11 15.50
C ALA A 145 -1.52 17.38 15.06
N GLU A 146 -1.48 16.07 15.28
CA GLU A 146 -0.32 15.29 14.94
C GLU A 146 -0.19 15.17 13.42
N PHE A 147 -1.32 14.93 12.76
CA PHE A 147 -1.34 14.90 11.31
C PHE A 147 -0.78 16.20 10.72
N THR A 148 -1.22 17.33 11.27
CA THR A 148 -0.84 18.64 10.75
C THR A 148 0.68 18.82 10.86
N ALA A 149 1.24 18.38 11.99
CA ALA A 149 2.68 18.48 12.20
C ALA A 149 3.46 17.59 11.24
N LEU A 150 2.93 16.41 10.97
CA LEU A 150 3.64 15.45 10.13
C LEU A 150 3.55 15.80 8.64
N TYR A 151 2.43 16.40 8.22
CA TYR A 151 2.13 16.55 6.79
C TYR A 151 2.00 18.00 6.32
N GLY A 152 1.92 18.93 7.26
CA GLY A 152 1.78 20.34 6.91
C GLY A 152 3.11 21.07 6.79
N PRO B 8 4.57 -27.84 -4.49
CA PRO B 8 5.82 -27.08 -4.56
C PRO B 8 6.73 -27.36 -3.35
N ASP B 9 8.04 -27.47 -3.58
CA ASP B 9 8.96 -27.50 -2.46
C ASP B 9 9.32 -26.06 -2.13
N THR B 10 8.93 -25.63 -0.93
CA THR B 10 9.20 -24.29 -0.45
C THR B 10 10.70 -23.99 -0.41
N ARG B 11 11.47 -24.94 0.09
CA ARG B 11 12.93 -24.80 0.17
C ARG B 11 13.55 -24.56 -1.21
N ALA B 12 13.08 -25.30 -2.21
CA ALA B 12 13.58 -25.14 -3.58
C ALA B 12 13.18 -23.79 -4.19
N LEU B 13 11.98 -23.32 -3.86
CA LEU B 13 11.49 -22.04 -4.38
C LEU B 13 12.32 -20.90 -3.82
N VAL B 14 12.57 -20.93 -2.52
CA VAL B 14 13.41 -19.92 -1.87
C VAL B 14 14.81 -19.97 -2.46
N ALA B 15 15.39 -21.16 -2.57
CA ALA B 15 16.76 -21.28 -3.06
C ALA B 15 16.89 -20.79 -4.51
N ASP B 16 15.90 -21.11 -5.34
CA ASP B 16 15.91 -20.66 -6.74
C ASP B 16 15.86 -19.14 -6.81
N PHE B 17 14.93 -18.53 -6.09
CA PHE B 17 14.77 -17.10 -6.24
C PHE B 17 15.98 -16.34 -5.67
N VAL B 18 16.46 -16.75 -4.49
CA VAL B 18 17.60 -16.06 -3.89
C VAL B 18 18.84 -16.28 -4.77
N GLY B 19 19.03 -17.50 -5.24
CA GLY B 19 20.17 -17.80 -6.11
C GLY B 19 20.13 -16.99 -7.39
N TYR B 20 18.93 -16.86 -7.97
CA TYR B 20 18.76 -16.07 -9.18
C TYR B 20 19.14 -14.62 -8.92
N LYS B 21 18.68 -14.09 -7.80
CA LYS B 21 18.98 -12.71 -7.44
C LYS B 21 20.47 -12.49 -7.15
N LEU B 22 21.12 -13.45 -6.50
CA LEU B 22 22.55 -13.30 -6.19
C LEU B 22 23.38 -13.34 -7.47
N ARG B 23 22.94 -14.12 -8.44
CA ARG B 23 23.62 -14.18 -9.74
C ARG B 23 23.39 -12.89 -10.51
N GLN B 24 22.16 -12.40 -10.45
CA GLN B 24 21.79 -11.21 -11.17
C GLN B 24 22.62 -10.02 -10.70
N LYS B 25 22.91 -9.96 -9.40
CA LYS B 25 23.66 -8.86 -8.82
C LYS B 25 25.18 -9.09 -8.83
N GLY B 26 25.61 -10.21 -9.40
CA GLY B 26 27.03 -10.46 -9.66
C GLY B 26 27.81 -11.09 -8.51
N TYR B 27 27.10 -11.55 -7.49
CA TYR B 27 27.76 -12.15 -6.33
C TYR B 27 28.15 -13.62 -6.50
N VAL B 28 27.39 -14.33 -7.33
CA VAL B 28 27.51 -15.77 -7.51
C VAL B 28 27.47 -16.06 -9.00
N SER B 29 28.27 -17.04 -9.44
CA SER B 29 28.15 -17.55 -10.79
C SER B 29 28.36 -19.06 -10.76
N GLY B 30 27.91 -19.75 -11.81
CA GLY B 30 28.12 -21.18 -11.90
C GLY B 30 27.03 -22.02 -11.28
N ALA B 31 27.38 -23.25 -10.92
CA ALA B 31 26.41 -24.26 -10.50
C ALA B 31 25.69 -23.96 -9.19
N GLY B 32 24.45 -24.43 -9.11
CA GLY B 32 23.65 -24.28 -7.89
C GLY B 32 22.27 -23.72 -8.20
N PRO B 33 21.41 -23.65 -7.19
CA PRO B 33 20.06 -23.14 -7.40
C PRO B 33 20.09 -21.70 -7.91
N GLY B 34 19.25 -21.40 -8.89
CA GLY B 34 19.25 -20.09 -9.48
C GLY B 34 20.00 -20.02 -10.81
N GLU B 35 20.82 -21.04 -11.09
CA GLU B 35 21.61 -21.06 -12.32
C GLU B 35 20.78 -21.43 -13.53
N GLY B 36 20.88 -20.62 -14.57
CA GLY B 36 20.13 -20.86 -15.78
C GLY B 36 18.64 -20.65 -15.58
N PRO B 37 17.83 -21.15 -16.53
CA PRO B 37 16.37 -21.01 -16.47
C PRO B 37 15.78 -21.70 -15.24
N ALA B 38 14.65 -21.20 -14.76
CA ALA B 38 13.96 -21.86 -13.66
C ALA B 38 13.52 -23.25 -14.09
N ALA B 39 13.37 -24.16 -13.14
CA ALA B 39 13.05 -25.55 -13.45
C ALA B 39 11.58 -25.72 -13.83
N ASP B 40 10.76 -24.75 -13.48
CA ASP B 40 9.32 -24.86 -13.70
C ASP B 40 8.66 -23.48 -13.88
N PRO B 41 7.41 -23.44 -14.37
CA PRO B 41 6.73 -22.16 -14.56
C PRO B 41 6.59 -21.34 -13.28
N LEU B 42 6.48 -21.99 -12.13
CA LEU B 42 6.39 -21.28 -10.86
C LEU B 42 7.65 -20.45 -10.62
N GLY B 43 8.80 -21.09 -10.73
CA GLY B 43 10.06 -20.39 -10.55
C GLY B 43 10.21 -19.25 -11.53
N GLN B 44 9.87 -19.51 -12.79
CA GLN B 44 9.98 -18.47 -13.81
C GLN B 44 9.06 -17.29 -13.50
N ALA B 45 7.84 -17.57 -13.08
CA ALA B 45 6.89 -16.51 -12.74
C ALA B 45 7.41 -15.68 -11.55
N LEU B 46 7.89 -16.34 -10.51
CA LEU B 46 8.41 -15.63 -9.34
C LEU B 46 9.62 -14.75 -9.70
N ARG B 47 10.53 -15.28 -10.49
CA ARG B 47 11.66 -14.49 -10.97
C ARG B 47 11.21 -13.23 -11.69
N ALA B 48 10.25 -13.39 -12.61
CA ALA B 48 9.87 -12.28 -13.46
C ALA B 48 9.14 -11.20 -12.71
N ILE B 49 8.21 -11.57 -11.84
CA ILE B 49 7.44 -10.58 -11.09
CA ILE B 49 7.48 -10.51 -11.14
C ILE B 49 8.31 -9.96 -9.98
N GLY B 50 9.24 -10.78 -9.47
CA GLY B 50 10.17 -10.28 -8.47
C GLY B 50 11.05 -9.20 -9.06
N ASP B 51 11.48 -9.40 -10.30
CA ASP B 51 12.26 -8.40 -11.01
C ASP B 51 11.46 -7.12 -11.19
N GLU B 52 10.20 -7.27 -11.60
CA GLU B 52 9.35 -6.11 -11.79
C GLU B 52 9.11 -5.39 -10.46
N PHE B 53 8.88 -6.17 -9.41
CA PHE B 53 8.70 -5.61 -8.08
C PHE B 53 9.90 -4.77 -7.63
N GLU B 54 11.10 -5.33 -7.76
CA GLU B 54 12.28 -4.65 -7.24
C GLU B 54 12.51 -3.35 -8.02
N THR B 55 12.24 -3.38 -9.33
CA THR B 55 12.32 -2.16 -10.14
C THR B 55 11.31 -1.11 -9.67
N ARG B 56 10.06 -1.51 -9.46
CA ARG B 56 9.04 -0.57 -8.99
CA ARG B 56 9.04 -0.59 -8.97
C ARG B 56 9.38 -0.02 -7.60
N PHE B 57 9.91 -0.89 -6.72
CA PHE B 57 10.28 -0.45 -5.40
C PHE B 57 11.34 0.64 -5.46
N ARG B 58 12.37 0.42 -6.27
CA ARG B 58 13.48 1.36 -6.35
C ARG B 58 13.04 2.71 -6.89
N ARG B 59 12.10 2.67 -7.85
N ARG B 59 12.12 2.68 -7.86
CA ARG B 59 11.59 3.87 -8.50
CA ARG B 59 11.63 3.92 -8.47
C ARG B 59 10.80 4.71 -7.51
C ARG B 59 10.81 4.73 -7.49
N THR B 60 9.99 4.03 -6.71
CA THR B 60 9.08 4.66 -5.78
C THR B 60 9.78 5.17 -4.52
N PHE B 61 10.67 4.35 -3.98
CA PHE B 61 11.36 4.69 -2.76
C PHE B 61 12.82 4.89 -3.11
N SER B 62 13.66 3.92 -2.78
CA SER B 62 15.03 3.90 -3.25
C SER B 62 15.48 2.46 -3.26
N ASP B 63 16.73 2.21 -3.64
CA ASP B 63 17.21 0.83 -3.71
C ASP B 63 17.02 0.10 -2.38
N LEU B 64 16.42 -1.08 -2.46
CA LEU B 64 16.03 -1.84 -1.28
C LEU B 64 17.24 -2.32 -0.46
N ALA B 65 18.14 -3.06 -1.12
CA ALA B 65 19.29 -3.65 -0.45
C ALA B 65 20.19 -2.64 0.27
N ALA B 66 19.97 -1.36 -0.01
CA ALA B 66 20.70 -0.30 0.67
C ALA B 66 19.80 0.50 1.62
N GLN B 67 18.98 -0.22 2.38
CA GLN B 67 18.30 0.33 3.56
C GLN B 67 18.26 -0.81 4.54
N LEU B 68 18.93 -1.90 4.15
CA LEU B 68 19.14 -3.04 5.00
C LEU B 68 20.46 -2.84 5.70
N HIS B 69 20.41 -2.77 7.02
CA HIS B 69 21.63 -2.66 7.80
C HIS B 69 21.72 -3.94 8.60
N VAL B 70 22.68 -4.77 8.20
CA VAL B 70 22.69 -6.17 8.56
C VAL B 70 23.79 -6.48 9.58
N THR B 71 23.43 -7.13 10.67
CA THR B 71 24.42 -7.75 11.57
C THR B 71 23.93 -9.15 11.94
N PRO B 72 24.85 -10.08 12.24
CA PRO B 72 24.43 -11.46 12.52
C PRO B 72 23.51 -11.55 13.73
N GLY B 73 23.73 -10.71 14.74
CA GLY B 73 22.95 -10.75 15.96
C GLY B 73 21.57 -10.12 15.84
N SER B 74 21.39 -9.24 14.86
CA SER B 74 20.11 -8.55 14.69
C SER B 74 19.32 -8.99 13.46
N ALA B 75 19.93 -9.78 12.60
CA ALA B 75 19.30 -10.12 11.32
C ALA B 75 17.95 -10.82 11.44
N GLN B 76 17.86 -11.82 12.31
CA GLN B 76 16.62 -12.58 12.41
C GLN B 76 15.49 -11.71 12.94
N GLN B 77 15.79 -10.93 13.98
CA GLN B 77 14.82 -10.00 14.55
C GLN B 77 14.31 -9.01 13.49
N ARG B 78 15.25 -8.44 12.74
CA ARG B 78 14.87 -7.44 11.75
C ARG B 78 14.07 -8.09 10.61
N PHE B 79 14.48 -9.27 10.19
CA PHE B 79 13.75 -10.00 9.15
C PHE B 79 12.30 -10.21 9.58
N THR B 80 12.11 -10.60 10.84
CA THR B 80 10.78 -10.93 11.36
C THR B 80 9.93 -9.66 11.53
N GLN B 81 10.55 -8.59 12.02
CA GLN B 81 9.86 -7.31 12.19
C GLN B 81 9.36 -6.75 10.87
N VAL B 82 10.22 -6.75 9.85
CA VAL B 82 9.82 -6.22 8.55
C VAL B 82 8.71 -7.09 7.96
N SER B 83 8.87 -8.41 8.04
CA SER B 83 7.90 -9.34 7.49
C SER B 83 6.56 -9.21 8.19
N ASP B 84 6.57 -9.08 9.52
CA ASP B 84 5.32 -8.96 10.26
C ASP B 84 4.57 -7.69 9.88
N GLU B 85 5.29 -6.59 9.66
CA GLU B 85 4.65 -5.36 9.19
C GLU B 85 4.09 -5.53 7.78
N LEU B 86 4.88 -6.15 6.90
CA LEU B 86 4.48 -6.40 5.53
C LEU B 86 3.14 -7.15 5.46
N PHE B 87 2.93 -8.08 6.40
CA PHE B 87 1.76 -8.93 6.34
C PHE B 87 0.64 -8.51 7.28
N GLN B 88 0.79 -7.36 7.91
N GLN B 88 0.79 -7.35 7.91
CA GLN B 88 -0.29 -6.86 8.77
CA GLN B 88 -0.29 -6.81 8.73
C GLN B 88 -1.53 -6.63 7.91
C GLN B 88 -1.54 -6.63 7.88
N GLY B 89 -2.65 -7.23 8.32
CA GLY B 89 -3.88 -7.17 7.54
C GLY B 89 -4.13 -8.44 6.73
N GLY B 90 -3.08 -9.25 6.58
CA GLY B 90 -3.23 -10.53 5.89
C GLY B 90 -2.34 -10.65 4.66
N PRO B 91 -1.97 -11.88 4.29
CA PRO B 91 -1.21 -12.02 3.05
C PRO B 91 -2.04 -11.77 1.78
N ASN B 92 -1.32 -11.46 0.71
CA ASN B 92 -1.86 -11.58 -0.64
C ASN B 92 -0.68 -11.90 -1.55
N TRP B 93 -0.94 -12.19 -2.82
CA TRP B 93 0.14 -12.60 -3.71
C TRP B 93 1.21 -11.52 -3.89
N GLY B 94 0.79 -10.26 -3.98
CA GLY B 94 1.73 -9.16 -4.13
C GLY B 94 2.65 -9.02 -2.93
N ARG B 95 2.08 -9.18 -1.74
CA ARG B 95 2.88 -9.13 -0.52
C ARG B 95 3.83 -10.33 -0.44
N LEU B 96 3.41 -11.48 -0.97
CA LEU B 96 4.32 -12.63 -1.02
C LEU B 96 5.52 -12.34 -1.92
N VAL B 97 5.29 -11.69 -3.06
CA VAL B 97 6.40 -11.26 -3.92
C VAL B 97 7.33 -10.32 -3.17
N ALA B 98 6.74 -9.35 -2.46
CA ALA B 98 7.51 -8.42 -1.63
C ALA B 98 8.42 -9.16 -0.66
N PHE B 99 7.87 -10.20 -0.03
CA PHE B 99 8.59 -11.01 0.94
C PHE B 99 9.82 -11.69 0.33
N PHE B 100 9.62 -12.33 -0.83
CA PHE B 100 10.75 -12.92 -1.54
C PHE B 100 11.82 -11.90 -1.94
N VAL B 101 11.39 -10.75 -2.46
CA VAL B 101 12.34 -9.70 -2.84
C VAL B 101 13.13 -9.20 -1.62
N PHE B 102 12.45 -9.01 -0.50
CA PHE B 102 13.10 -8.57 0.73
C PHE B 102 14.12 -9.60 1.20
N GLY B 103 13.73 -10.88 1.23
CA GLY B 103 14.62 -11.93 1.73
C GLY B 103 15.85 -12.00 0.86
N ALA B 104 15.64 -11.95 -0.46
CA ALA B 104 16.76 -11.98 -1.40
C ALA B 104 17.66 -10.75 -1.24
N ALA B 105 17.06 -9.60 -0.95
CA ALA B 105 17.86 -8.39 -0.78
C ALA B 105 18.69 -8.47 0.49
N LEU B 106 18.15 -9.11 1.52
CA LEU B 106 18.87 -9.29 2.77
C LEU B 106 20.08 -10.21 2.53
N CYS B 107 19.88 -11.22 1.69
CA CYS B 107 20.97 -12.12 1.33
C CYS B 107 22.06 -11.40 0.53
N ALA B 108 21.64 -10.61 -0.46
CA ALA B 108 22.57 -9.82 -1.25
C ALA B 108 23.39 -8.88 -0.37
N GLU B 109 22.72 -8.17 0.52
CA GLU B 109 23.42 -7.22 1.38
C GLU B 109 24.37 -7.93 2.35
N SER B 110 24.00 -9.15 2.77
CA SER B 110 24.89 -9.96 3.61
C SER B 110 26.19 -10.32 2.88
N VAL B 111 26.09 -10.71 1.62
CA VAL B 111 27.28 -11.02 0.84
C VAL B 111 28.14 -9.76 0.64
N ASN B 112 27.49 -8.66 0.29
CA ASN B 112 28.13 -7.36 0.11
C ASN B 112 28.95 -6.96 1.34
N LYS B 113 28.40 -7.24 2.51
CA LYS B 113 29.03 -6.88 3.77
C LYS B 113 29.87 -8.02 4.35
N GLU B 114 30.28 -8.95 3.48
CA GLU B 114 31.18 -10.06 3.85
C GLU B 114 30.65 -10.90 5.02
N MET B 115 29.37 -11.21 4.94
CA MET B 115 28.73 -12.09 5.90
C MET B 115 27.94 -13.13 5.12
N GLU B 116 28.64 -13.78 4.20
CA GLU B 116 28.02 -14.83 3.38
C GLU B 116 27.30 -15.92 4.17
N PRO B 117 27.81 -16.31 5.36
CA PRO B 117 27.06 -17.35 6.08
C PRO B 117 25.60 -16.99 6.42
N LEU B 118 25.28 -15.70 6.43
CA LEU B 118 23.91 -15.30 6.71
C LEU B 118 22.97 -15.70 5.58
N VAL B 119 23.50 -15.88 4.37
CA VAL B 119 22.62 -16.25 3.26
C VAL B 119 21.82 -17.51 3.57
N GLY B 120 22.52 -18.56 4.03
CA GLY B 120 21.85 -19.79 4.38
C GLY B 120 20.88 -19.64 5.53
N GLN B 121 21.24 -18.80 6.50
CA GLN B 121 20.35 -18.55 7.63
C GLN B 121 19.10 -17.83 7.16
N VAL B 122 19.27 -16.78 6.35
CA VAL B 122 18.10 -16.03 5.89
C VAL B 122 17.16 -16.94 5.06
N GLN B 123 17.72 -17.78 4.19
CA GLN B 123 16.88 -18.73 3.45
C GLN B 123 16.08 -19.64 4.38
N GLU B 124 16.72 -20.16 5.44
CA GLU B 124 16.01 -20.96 6.42
C GLU B 124 14.88 -20.20 7.11
N TRP B 125 15.14 -18.93 7.45
CA TRP B 125 14.15 -18.09 8.09
C TRP B 125 12.99 -17.86 7.14
N MET B 126 13.31 -17.67 5.85
CA MET B 126 12.24 -17.52 4.87
C MET B 126 11.34 -18.76 4.81
N VAL B 127 11.96 -19.94 4.72
CA VAL B 127 11.22 -21.19 4.67
C VAL B 127 10.39 -21.34 5.93
N GLU B 128 10.99 -21.01 7.08
CA GLU B 128 10.28 -21.13 8.36
C GLU B 128 9.07 -20.22 8.34
N TYR B 129 9.27 -18.97 7.97
CA TYR B 129 8.18 -18.00 7.96
C TYR B 129 7.07 -18.43 6.99
N LEU B 130 7.47 -18.88 5.80
CA LEU B 130 6.49 -19.35 4.82
C LEU B 130 5.66 -20.51 5.35
N GLU B 131 6.32 -21.49 5.97
CA GLU B 131 5.63 -22.70 6.43
C GLU B 131 4.79 -22.48 7.69
N THR B 132 5.12 -21.47 8.47
CA THR B 132 4.41 -21.23 9.75
C THR B 132 3.43 -20.06 9.77
N ARG B 133 3.65 -19.07 8.92
CA ARG B 133 2.80 -17.89 8.91
C ARG B 133 1.93 -17.85 7.67
N LEU B 134 2.48 -18.34 6.57
CA LEU B 134 1.87 -18.07 5.26
C LEU B 134 1.25 -19.29 4.60
N ALA B 135 1.56 -20.49 5.11
CA ALA B 135 1.20 -21.74 4.45
C ALA B 135 -0.31 -21.96 4.37
N ASP B 136 -1.00 -21.62 5.46
CA ASP B 136 -2.45 -21.78 5.48
C ASP B 136 -3.11 -20.87 4.44
N TRP B 137 -2.68 -19.61 4.35
CA TRP B 137 -3.23 -18.69 3.35
C TRP B 137 -2.95 -19.17 1.94
N ILE B 138 -1.71 -19.58 1.68
CA ILE B 138 -1.33 -20.04 0.35
C ILE B 138 -2.20 -21.23 -0.07
N HIS B 139 -2.38 -22.19 0.83
CA HIS B 139 -3.19 -23.36 0.49
C HIS B 139 -4.67 -22.99 0.31
N SER B 140 -5.16 -22.07 1.14
CA SER B 140 -6.56 -21.66 1.08
C SER B 140 -6.86 -20.88 -0.20
N SER B 141 -5.81 -20.31 -0.81
CA SER B 141 -5.96 -19.44 -1.97
C SER B 141 -5.66 -20.15 -3.30
N GLY B 142 -5.61 -21.49 -3.26
CA GLY B 142 -5.40 -22.27 -4.47
C GLY B 142 -3.97 -22.73 -4.68
N GLY B 143 -3.10 -22.40 -3.73
CA GLY B 143 -1.70 -22.78 -3.79
C GLY B 143 -0.88 -21.99 -4.80
N TRP B 144 0.40 -22.32 -4.91
CA TRP B 144 1.30 -21.62 -5.81
C TRP B 144 0.88 -21.75 -7.29
N ALA B 145 0.14 -22.81 -7.63
CA ALA B 145 -0.43 -22.93 -8.97
C ALA B 145 -1.30 -21.73 -9.36
N GLU B 146 -2.00 -21.18 -8.37
CA GLU B 146 -2.84 -20.02 -8.59
C GLU B 146 -1.98 -18.79 -8.89
N PHE B 147 -0.93 -18.62 -8.10
CA PHE B 147 0.02 -17.55 -8.34
C PHE B 147 0.58 -17.59 -9.78
N THR B 148 1.01 -18.78 -10.21
CA THR B 148 1.59 -18.95 -11.53
C THR B 148 0.60 -18.54 -12.62
N ALA B 149 -0.67 -18.89 -12.43
CA ALA B 149 -1.73 -18.54 -13.38
C ALA B 149 -1.97 -17.03 -13.42
N LEU B 150 -1.95 -16.39 -12.25
CA LEU B 150 -2.24 -14.97 -12.17
C LEU B 150 -1.07 -14.11 -12.66
N TYR B 151 0.16 -14.59 -12.42
CA TYR B 151 1.35 -13.73 -12.55
C TYR B 151 2.32 -14.16 -13.65
N GLY B 152 2.23 -15.42 -14.09
CA GLY B 152 3.12 -15.92 -15.11
C GLY B 152 2.62 -15.65 -16.52
N ALA C 1 -14.76 -11.15 -2.46
CA ALA C 1 -13.33 -10.99 -2.68
C ALA C 1 -12.84 -9.66 -2.13
N ALA C 2 -11.53 -9.44 -2.21
CA ALA C 2 -10.96 -8.14 -1.84
C ALA C 2 -11.39 -7.08 -2.84
N ASP C 3 -11.56 -5.86 -2.36
CA ASP C 3 -11.95 -4.76 -3.23
C ASP C 3 -10.71 -4.15 -3.88
N PRO C 4 -10.60 -4.24 -5.22
CA PRO C 4 -9.38 -3.74 -5.89
C PRO C 4 -9.17 -2.23 -5.73
N LEU C 5 -10.24 -1.44 -5.72
CA LEU C 5 -10.09 -0.01 -5.47
C LEU C 5 -9.57 0.26 -4.05
N GLY C 6 -10.12 -0.44 -3.07
CA GLY C 6 -9.64 -0.35 -1.70
C GLY C 6 -8.17 -0.69 -1.60
N GLN C 7 -7.74 -1.72 -2.32
CA GLN C 7 -6.34 -2.13 -2.32
C GLN C 7 -5.44 -1.07 -2.92
N ALA C 8 -5.89 -0.46 -4.01
CA ALA C 8 -5.10 0.55 -4.69
C ALA C 8 -4.94 1.79 -3.80
N LEU C 9 -6.05 2.20 -3.19
CA LEU C 9 -6.05 3.34 -2.30
C LEU C 9 -5.11 3.09 -1.13
N ARG C 10 -5.17 1.87 -0.61
CA ARG C 10 -4.32 1.47 0.51
C ARG C 10 -2.85 1.53 0.12
N ALA C 11 -2.53 1.09 -1.10
CA ALA C 11 -1.15 1.12 -1.57
C ALA C 11 -0.60 2.54 -1.59
N ILE C 12 -1.36 3.48 -2.12
CA ILE C 12 -0.87 4.85 -2.17
C ILE C 12 -0.84 5.43 -0.75
N GLY C 13 -1.84 5.05 0.06
CA GLY C 13 -1.87 5.46 1.45
C GLY C 13 -0.61 5.05 2.20
N ASP C 14 -0.19 3.80 2.02
CA ASP C 14 1.01 3.31 2.69
C ASP C 14 2.27 3.96 2.15
N GLU C 15 2.30 4.26 0.85
CA GLU C 15 3.41 5.05 0.29
C GLU C 15 3.55 6.39 1.01
N PHE C 16 2.43 7.06 1.22
CA PHE C 16 2.47 8.36 1.90
C PHE C 16 2.87 8.22 3.35
N GLU C 17 2.37 7.16 4.02
CA GLU C 17 2.71 6.93 5.41
C GLU C 17 4.23 6.76 5.61
N THR C 18 4.90 6.07 4.68
CA THR C 18 6.35 5.91 4.78
C THR C 18 7.07 7.23 4.62
N ARG C 19 6.69 7.95 3.57
CA ARG C 19 7.40 9.14 3.13
C ARG C 19 7.34 10.24 4.18
N PHE C 20 6.29 10.21 5.01
CA PHE C 20 6.06 11.28 5.98
C PHE C 20 6.20 10.84 7.44
N ARG C 21 6.79 9.66 7.64
CA ARG C 21 7.04 9.12 8.98
C ARG C 21 7.90 7.86 8.91
N ALA D 1 6.91 2.82 15.95
CA ALA D 1 6.64 1.42 16.26
C ALA D 1 6.37 0.63 14.97
N ALA D 2 5.69 1.26 14.02
CA ALA D 2 5.49 0.66 12.72
C ALA D 2 6.82 0.62 11.97
N ASP D 3 7.08 -0.47 11.25
CA ASP D 3 8.35 -0.58 10.53
C ASP D 3 8.23 0.06 9.15
N PRO D 4 9.03 1.12 8.89
CA PRO D 4 8.95 1.87 7.63
C PRO D 4 9.23 1.02 6.40
N LEU D 5 10.22 0.13 6.48
CA LEU D 5 10.54 -0.75 5.36
C LEU D 5 9.39 -1.71 5.08
N GLY D 6 8.80 -2.25 6.14
CA GLY D 6 7.67 -3.15 5.98
C GLY D 6 6.50 -2.46 5.29
N GLN D 7 6.25 -1.20 5.65
CA GLN D 7 5.18 -0.42 5.03
C GLN D 7 5.45 -0.16 3.56
N ALA D 8 6.70 0.13 3.23
CA ALA D 8 7.08 0.39 1.84
C ALA D 8 6.90 -0.86 0.99
N LEU D 9 7.39 -2.00 1.51
CA LEU D 9 7.25 -3.27 0.80
C LEU D 9 5.77 -3.59 0.62
N ARG D 10 4.99 -3.36 1.67
CA ARG D 10 3.54 -3.60 1.62
C ARG D 10 2.87 -2.76 0.54
N ALA D 11 3.23 -1.48 0.46
CA ALA D 11 2.70 -0.57 -0.55
C ALA D 11 2.90 -1.13 -1.96
N ILE D 12 4.14 -1.49 -2.29
CA ILE D 12 4.39 -2.05 -3.60
C ILE D 12 3.69 -3.40 -3.77
N GLY D 13 3.64 -4.19 -2.71
CA GLY D 13 2.92 -5.46 -2.75
C GLY D 13 1.46 -5.26 -3.14
N ASP D 14 0.82 -4.29 -2.49
CA ASP D 14 -0.58 -4.05 -2.77
C ASP D 14 -0.79 -3.49 -4.17
N GLU D 15 0.14 -2.66 -4.65
CA GLU D 15 0.10 -2.25 -6.05
C GLU D 15 0.10 -3.45 -6.99
N PHE D 16 0.94 -4.44 -6.70
CA PHE D 16 1.02 -5.62 -7.55
C PHE D 16 -0.22 -6.49 -7.44
N GLU D 17 -0.78 -6.57 -6.24
CA GLU D 17 -2.02 -7.32 -6.02
C GLU D 17 -3.17 -6.78 -6.87
N THR D 18 -3.24 -5.45 -7.04
CA THR D 18 -4.30 -4.84 -7.84
C THR D 18 -4.12 -5.17 -9.30
N ARG D 19 -2.90 -4.95 -9.77
CA ARG D 19 -2.55 -5.02 -11.19
C ARG D 19 -2.83 -6.41 -11.75
N PHE D 20 -2.59 -7.44 -10.94
CA PHE D 20 -2.73 -8.82 -11.41
C PHE D 20 -3.98 -9.51 -10.86
N ARG D 21 -4.92 -8.69 -10.36
CA ARG D 21 -6.31 -9.07 -10.06
C ARG D 21 -7.06 -7.91 -9.41
C1 EDO E . -7.79 -0.55 -9.05
O1 EDO E . -9.18 -0.22 -9.17
C2 EDO E . -6.93 0.68 -9.32
O2 EDO E . -7.13 1.10 -10.68
C1 EDO F . -21.69 2.59 12.11
O1 EDO F . -22.37 3.06 10.93
C2 EDO F . -22.21 3.34 13.32
O2 EDO F . -21.96 2.61 14.52
C1 EDO G . -11.48 22.20 9.58
O1 EDO G . -10.42 22.19 10.55
C2 EDO G . -10.88 22.40 8.19
O2 EDO G . -10.11 23.61 8.18
C1 EDO H . -13.98 26.89 4.70
O1 EDO H . -14.21 25.48 4.52
C2 EDO H . -13.72 27.54 3.35
O2 EDO H . -12.32 27.58 3.05
C1 EDO I . -21.55 3.74 6.50
O1 EDO I . -20.27 3.13 6.34
C2 EDO I . -21.39 5.05 7.26
O2 EDO I . -22.29 5.09 8.36
C1 EDO J . -7.97 1.59 18.50
O1 EDO J . -8.29 1.73 17.11
C2 EDO J . -7.19 2.81 18.95
O2 EDO J . -7.68 3.28 20.21
C1 EDO K . 0.65 17.35 -7.12
O1 EDO K . 1.70 16.46 -6.74
C2 EDO K . -0.02 17.91 -5.87
O2 EDO K . 0.40 19.26 -5.63
C1 EDO L . -7.39 27.03 -3.80
O1 EDO L . -7.52 28.00 -4.85
C2 EDO L . -7.89 27.62 -2.48
O2 EDO L . -7.20 28.84 -2.18
C1 EDO M . -4.09 23.71 -1.58
O1 EDO M . -4.30 24.41 -2.82
C2 EDO M . -2.60 23.62 -1.28
O2 EDO M . -1.85 24.27 -2.31
C1 EDO N . 10.75 -24.42 -7.52
O1 EDO N . 9.37 -24.53 -7.94
C2 EDO N . 11.37 -23.19 -8.17
O2 EDO N . 11.37 -23.36 -9.60
C1 EDO O . 3.17 -25.15 -9.36
O1 EDO O . 2.79 -25.38 -8.00
C2 EDO O . 2.89 -23.70 -9.70
O2 EDO O . 2.93 -23.51 -11.11
C1 EDO P . 17.24 -24.14 -10.30
O1 EDO P . 16.98 -23.40 -9.10
C2 EDO P . 18.25 -23.39 -11.16
O2 EDO P . 17.59 -22.72 -12.25
C1 EDO Q . 11.82 -17.37 11.21
O1 EDO Q . 11.93 -18.15 12.40
C2 EDO Q . 11.43 -15.94 11.59
O2 EDO Q . 12.13 -15.59 12.79
C1 EDO R . 15.42 -5.53 -11.12
O1 EDO R . 14.92 -6.62 -10.35
C2 EDO R . 16.76 -5.06 -10.55
O2 EDO R . 16.58 -4.71 -9.17
C1 EDO S . 24.63 -17.06 -13.54
O1 EDO S . 25.76 -16.24 -13.87
C2 EDO S . 23.47 -16.81 -14.50
O2 EDO S . 22.56 -17.93 -14.47
C1 EDO T . 11.64 3.04 2.14
O1 EDO T . 12.70 4.00 2.02
C2 EDO T . 11.06 3.13 3.54
O2 EDO T . 12.12 3.00 4.49
#